data_4JXY
#
_entry.id   4JXY
#
_cell.length_a   149.173
_cell.length_b   149.173
_cell.length_c   149.173
_cell.angle_alpha   90.00
_cell.angle_beta   90.00
_cell.angle_gamma   90.00
#
_symmetry.space_group_name_H-M   'P 41 3 2'
#
loop_
_entity.id
_entity.type
_entity.pdbx_description
1 polymer Trans-hexaprenyltranstransferase
2 non-polymer 'PHOSPHATE ION'
3 non-polymer 'GLUTARIC ACID'
4 water water
#
_entity_poly.entity_id   1
_entity_poly.type   'polypeptide(L)'
_entity_poly.pdbx_seq_one_letter_code
;MHHHHHHSSGVDLGTENLYFQSMDLDHILSLAEPDMLAVNQLIQKQVNSDVSLINQLGFYIVNSGGKRLRPLLTVLAARA
LNIQTEQHHTLAAIIEFIHTATLLHDDVVDESTMRRGRETANEVFGNQASVLVGDFLYTRSFQMMVTLDSMRVMQILSDA
TNVIAEGEVLQLMNCNDPDTTEESYMEVIYSKTARLFEAATLLAGVLTKQSEAIENAMQDYGKYLGTAFQLVDDIMDYAS
DSEEMGKNMGDDLAEGKPTLPLLYAMWHGNEQQTAIIREAIETGNGMDNLTPILETMEQTGALTYTKQQALKASQQAIDA
LSPIEESVYKEALIGLAHISVERVA
;
_entity_poly.pdbx_strand_id   A
#
# COMPACT_ATOMS: atom_id res chain seq x y z
N GLU A 16 -21.93 -6.02 -28.90
CA GLU A 16 -20.89 -5.71 -29.91
C GLU A 16 -19.50 -5.67 -29.28
N ASN A 17 -19.30 -4.95 -28.16
CA ASN A 17 -17.97 -4.85 -27.47
C ASN A 17 -17.58 -6.19 -26.81
N LEU A 18 -16.69 -6.93 -27.47
CA LEU A 18 -16.23 -8.24 -26.98
C LEU A 18 -15.37 -8.14 -25.72
N TYR A 19 -14.80 -6.98 -25.44
CA TYR A 19 -13.93 -6.77 -24.27
C TYR A 19 -14.62 -5.88 -23.24
N PHE A 20 -15.92 -6.09 -23.09
CA PHE A 20 -16.72 -5.27 -22.16
C PHE A 20 -16.32 -5.54 -20.70
N GLN A 21 -15.96 -6.77 -20.38
CA GLN A 21 -15.58 -7.12 -19.01
C GLN A 21 -14.19 -6.61 -18.66
N SER A 22 -14.02 -6.10 -17.44
CA SER A 22 -12.68 -5.70 -17.00
C SER A 22 -11.83 -6.96 -16.79
N MET A 23 -10.52 -6.78 -16.91
CA MET A 23 -9.59 -7.92 -16.84
C MET A 23 -9.58 -8.51 -15.44
N ASP A 24 -9.76 -9.82 -15.34
CA ASP A 24 -9.78 -10.45 -14.04
C ASP A 24 -8.38 -10.77 -13.51
N LEU A 25 -8.35 -11.15 -12.25
CA LEU A 25 -7.07 -11.33 -11.57
C LEU A 25 -6.20 -12.39 -12.24
N ASP A 26 -6.77 -13.53 -12.63
CA ASP A 26 -5.98 -14.59 -13.30
C ASP A 26 -5.30 -14.08 -14.55
N HIS A 27 -6.00 -13.28 -15.34
CA HIS A 27 -5.42 -12.75 -16.56
C HIS A 27 -4.36 -11.71 -16.24
N ILE A 28 -4.63 -10.88 -15.25
CA ILE A 28 -3.63 -9.91 -14.80
C ILE A 28 -2.36 -10.63 -14.36
N LEU A 29 -2.51 -11.62 -13.49
CA LEU A 29 -1.33 -12.32 -12.97
C LEU A 29 -0.60 -13.08 -14.07
N SER A 30 -1.33 -13.70 -15.01
CA SER A 30 -0.67 -14.38 -16.15
CA SER A 30 -0.68 -14.38 -16.13
C SER A 30 0.09 -13.41 -17.02
N LEU A 31 -0.51 -12.26 -17.32
CA LEU A 31 0.15 -11.24 -18.11
C LEU A 31 1.46 -10.78 -17.49
N ALA A 32 1.42 -10.55 -16.17
CA ALA A 32 2.54 -10.00 -15.43
C ALA A 32 3.59 -11.03 -15.05
N GLU A 33 3.29 -12.31 -15.19
CA GLU A 33 4.12 -13.32 -14.50
C GLU A 33 5.59 -13.28 -14.91
N PRO A 34 5.91 -13.21 -16.21
CA PRO A 34 7.33 -13.15 -16.53
C PRO A 34 8.09 -12.02 -15.82
N ASP A 35 7.49 -10.83 -15.77
CA ASP A 35 8.11 -9.68 -15.06
C ASP A 35 8.21 -9.93 -13.56
N MET A 36 7.15 -10.47 -12.96
CA MET A 36 7.11 -10.69 -11.53
C MET A 36 8.16 -11.73 -11.09
N LEU A 37 8.32 -12.79 -11.89
CA LEU A 37 9.36 -13.79 -11.57
C LEU A 37 10.74 -13.20 -11.69
N ALA A 38 10.96 -12.31 -12.66
CA ALA A 38 12.21 -11.62 -12.78
C ALA A 38 12.47 -10.70 -11.59
N VAL A 39 11.43 -10.01 -11.11
CA VAL A 39 11.57 -9.19 -9.91
C VAL A 39 11.94 -10.05 -8.70
N ASN A 40 11.31 -11.21 -8.59
CA ASN A 40 11.52 -12.03 -7.43
C ASN A 40 12.96 -12.54 -7.42
N GLN A 41 13.47 -12.89 -8.59
CA GLN A 41 14.86 -13.31 -8.70
C GLN A 41 15.81 -12.19 -8.31
N LEU A 42 15.53 -10.98 -8.76
CA LEU A 42 16.37 -9.83 -8.43
C LEU A 42 16.36 -9.56 -6.94
N ILE A 43 15.18 -9.67 -6.33
CA ILE A 43 15.06 -9.51 -4.90
C ILE A 43 15.91 -10.55 -4.12
N GLN A 44 15.91 -11.80 -4.60
N GLN A 44 15.84 -11.80 -4.54
CA GLN A 44 16.74 -12.83 -3.97
CA GLN A 44 16.54 -12.86 -3.82
C GLN A 44 18.23 -12.50 -4.07
C GLN A 44 18.04 -12.64 -3.86
N LYS A 45 18.67 -12.05 -5.23
N LYS A 45 18.55 -12.21 -5.01
CA LYS A 45 20.07 -11.72 -5.47
CA LYS A 45 19.95 -11.91 -5.12
C LYS A 45 20.51 -10.46 -4.74
C LYS A 45 20.29 -10.67 -4.30
N GLN A 46 19.53 -9.62 -4.42
N GLN A 46 19.70 -9.53 -4.67
CA GLN A 46 19.77 -8.31 -3.81
CA GLN A 46 20.01 -8.26 -4.04
C GLN A 46 19.57 -8.34 -2.31
C GLN A 46 19.66 -8.24 -2.57
N VAL A 47 18.93 -9.40 -1.82
N VAL A 47 19.10 -9.32 -2.05
CA VAL A 47 18.75 -9.55 -0.39
CA VAL A 47 18.87 -9.40 -0.62
C VAL A 47 20.10 -9.91 0.19
C VAL A 47 20.23 -9.64 -0.02
N ASN A 48 21.03 -10.25 -0.69
N ASN A 48 21.09 -10.26 -0.83
CA ASN A 48 22.23 -10.93 -0.26
CA ASN A 48 22.27 -10.93 -0.31
C ASN A 48 23.29 -10.04 0.38
C ASN A 48 23.30 -10.03 0.37
N SER A 49 23.96 -10.62 1.38
CA SER A 49 25.05 -10.01 2.12
C SER A 49 25.91 -11.15 2.66
N ASP A 50 27.06 -10.83 3.23
CA ASP A 50 27.90 -11.86 3.88
C ASP A 50 27.37 -12.22 5.26
N VAL A 51 26.45 -11.43 5.78
CA VAL A 51 26.00 -11.58 7.16
C VAL A 51 24.83 -12.58 7.27
N SER A 52 25.10 -13.74 7.84
CA SER A 52 24.12 -14.83 7.91
C SER A 52 22.73 -14.42 8.40
N LEU A 53 22.65 -13.68 9.51
CA LEU A 53 21.35 -13.30 10.07
C LEU A 53 20.51 -12.47 9.09
N ILE A 54 21.17 -11.64 8.29
CA ILE A 54 20.47 -10.84 7.29
C ILE A 54 19.86 -11.79 6.26
N ASN A 55 20.61 -12.80 5.89
CA ASN A 55 20.15 -13.76 4.90
C ASN A 55 18.99 -14.62 5.41
N GLN A 56 18.99 -14.95 6.71
CA GLN A 56 17.92 -15.76 7.30
C GLN A 56 16.65 -14.98 7.55
N LEU A 57 16.77 -13.82 8.19
CA LEU A 57 15.59 -12.97 8.39
C LEU A 57 15.06 -12.51 7.02
N GLY A 58 15.99 -12.24 6.10
CA GLY A 58 15.68 -11.79 4.74
C GLY A 58 14.85 -12.82 4.01
N PHE A 59 15.32 -14.07 4.04
CA PHE A 59 14.58 -15.19 3.45
C PHE A 59 13.18 -15.27 4.02
N TYR A 60 13.09 -15.24 5.34
CA TYR A 60 11.81 -15.31 6.04
C TYR A 60 10.85 -14.24 5.58
N ILE A 61 11.32 -13.01 5.36
CA ILE A 61 10.36 -11.94 5.06
C ILE A 61 10.21 -11.55 3.59
N VAL A 62 11.18 -11.90 2.75
CA VAL A 62 11.19 -11.36 1.39
C VAL A 62 11.51 -12.39 0.28
N ASN A 63 11.48 -13.67 0.62
CA ASN A 63 11.78 -14.71 -0.37
C ASN A 63 10.80 -14.74 -1.57
N SER A 64 9.56 -14.34 -1.33
CA SER A 64 8.58 -14.22 -2.42
C SER A 64 8.17 -12.75 -2.63
N GLY A 65 9.07 -11.82 -2.29
CA GLY A 65 8.77 -10.39 -2.33
C GLY A 65 8.39 -9.87 -3.70
N GLY A 66 8.89 -10.51 -4.76
CA GLY A 66 8.59 -10.08 -6.12
C GLY A 66 7.21 -10.52 -6.60
N LYS A 67 6.55 -11.40 -5.82
CA LYS A 67 5.24 -11.94 -6.16
C LYS A 67 4.11 -11.19 -5.43
N ARG A 68 4.29 -9.90 -5.16
CA ARG A 68 3.36 -9.14 -4.30
C ARG A 68 2.74 -7.99 -5.04
N LEU A 69 1.77 -7.37 -4.39
CA LEU A 69 0.95 -6.29 -4.97
C LEU A 69 1.74 -5.09 -5.47
N ARG A 70 2.67 -4.55 -4.66
CA ARG A 70 3.38 -3.36 -5.11
C ARG A 70 4.31 -3.57 -6.30
N PRO A 71 5.04 -4.71 -6.34
CA PRO A 71 5.75 -5.03 -7.57
C PRO A 71 4.83 -5.21 -8.79
N LEU A 72 3.68 -5.82 -8.58
CA LEU A 72 2.67 -6.03 -9.66
C LEU A 72 2.28 -4.68 -10.26
N LEU A 73 1.88 -3.77 -9.38
CA LEU A 73 1.53 -2.41 -9.78
C LEU A 73 2.63 -1.75 -10.59
N THR A 74 3.85 -1.88 -10.09
CA THR A 74 4.97 -1.24 -10.68
C THR A 74 5.28 -1.77 -12.07
N VAL A 75 5.28 -3.09 -12.23
CA VAL A 75 5.62 -3.65 -13.52
C VAL A 75 4.50 -3.42 -14.56
N LEU A 76 3.26 -3.49 -14.11
CA LEU A 76 2.11 -3.19 -15.01
C LEU A 76 2.16 -1.74 -15.47
N ALA A 77 2.46 -0.82 -14.55
CA ALA A 77 2.58 0.58 -14.90
C ALA A 77 3.65 0.84 -15.94
N ALA A 78 4.81 0.22 -15.74
CA ALA A 78 5.93 0.46 -16.62
C ALA A 78 5.67 -0.10 -18.03
N ARG A 79 5.06 -1.26 -18.08
CA ARG A 79 4.70 -1.90 -19.36
C ARG A 79 3.55 -1.14 -20.05
N ALA A 80 2.60 -0.59 -19.29
CA ALA A 80 1.57 0.30 -19.86
C ALA A 80 2.18 1.52 -20.50
N LEU A 81 3.38 1.91 -20.07
CA LEU A 81 4.11 3.04 -20.61
C LEU A 81 5.21 2.63 -21.58
N ASN A 82 5.16 1.39 -22.05
CA ASN A 82 6.03 0.88 -23.13
C ASN A 82 7.51 0.93 -22.78
N ILE A 83 7.84 0.59 -21.53
CA ILE A 83 9.23 0.56 -21.12
C ILE A 83 10.06 -0.34 -22.05
N GLN A 84 11.26 0.12 -22.38
CA GLN A 84 12.15 -0.55 -23.34
C GLN A 84 13.37 -1.18 -22.66
N THR A 85 13.48 -1.00 -21.35
CA THR A 85 14.57 -1.55 -20.54
C THR A 85 14.02 -2.55 -19.51
N GLU A 86 14.85 -3.00 -18.58
CA GLU A 86 14.37 -3.82 -17.46
C GLU A 86 14.46 -3.01 -16.17
N GLN A 87 14.53 -1.68 -16.29
CA GLN A 87 14.68 -0.84 -15.08
C GLN A 87 13.49 -0.92 -14.15
N HIS A 88 12.32 -1.30 -14.68
CA HIS A 88 11.15 -1.51 -13.83
C HIS A 88 11.27 -2.70 -12.88
N HIS A 89 12.09 -3.67 -13.22
CA HIS A 89 12.37 -4.76 -12.27
C HIS A 89 13.12 -4.23 -11.05
N THR A 90 14.12 -3.41 -11.29
CA THR A 90 14.82 -2.69 -10.19
C THR A 90 13.87 -1.82 -9.39
N LEU A 91 13.05 -1.04 -10.08
CA LEU A 91 12.08 -0.20 -9.38
C LEU A 91 11.14 -1.01 -8.52
N ALA A 92 10.64 -2.12 -9.06
CA ALA A 92 9.71 -2.92 -8.30
C ALA A 92 10.34 -3.48 -7.02
N ALA A 93 11.60 -3.90 -7.12
CA ALA A 93 12.33 -4.39 -5.99
C ALA A 93 12.57 -3.27 -4.97
N ILE A 94 12.92 -2.08 -5.43
CA ILE A 94 13.05 -0.91 -4.54
C ILE A 94 11.77 -0.66 -3.75
N ILE A 95 10.63 -0.63 -4.45
CA ILE A 95 9.37 -0.35 -3.81
C ILE A 95 9.01 -1.39 -2.77
N GLU A 96 9.20 -2.66 -3.12
CA GLU A 96 8.90 -3.69 -2.18
C GLU A 96 9.86 -3.72 -0.97
N PHE A 97 11.12 -3.35 -1.18
CA PHE A 97 12.07 -3.24 -0.04
C PHE A 97 11.65 -2.13 0.93
N ILE A 98 11.21 -1.00 0.39
CA ILE A 98 10.67 0.07 1.21
C ILE A 98 9.47 -0.39 1.99
N HIS A 99 8.55 -1.10 1.32
CA HIS A 99 7.36 -1.59 2.01
C HIS A 99 7.73 -2.58 3.13
N THR A 100 8.61 -3.52 2.82
CA THR A 100 9.02 -4.56 3.77
C THR A 100 9.76 -3.93 4.98
N ALA A 101 10.68 -3.00 4.71
CA ALA A 101 11.36 -2.26 5.80
C ALA A 101 10.37 -1.55 6.72
N THR A 102 9.40 -0.85 6.14
CA THR A 102 8.33 -0.22 6.89
C THR A 102 7.54 -1.16 7.76
N LEU A 103 7.19 -2.32 7.20
CA LEU A 103 6.40 -3.31 7.92
C LEU A 103 7.15 -3.82 9.14
N LEU A 104 8.41 -4.15 8.91
CA LEU A 104 9.28 -4.63 9.98
C LEU A 104 9.34 -3.61 11.11
N HIS A 105 9.55 -2.35 10.75
CA HIS A 105 9.63 -1.30 11.76
C HIS A 105 8.32 -1.03 12.47
N ASP A 106 7.23 -1.11 11.73
CA ASP A 106 5.89 -0.94 12.32
C ASP A 106 5.50 -2.05 13.29
N ASP A 107 6.03 -3.25 13.09
CA ASP A 107 5.69 -4.36 13.95
C ASP A 107 6.47 -4.34 15.26
N VAL A 108 7.54 -3.57 15.30
CA VAL A 108 8.23 -3.32 16.57
C VAL A 108 7.29 -2.44 17.36
N VAL A 109 6.91 -1.30 16.77
CA VAL A 109 6.21 -0.23 17.49
C VAL A 109 4.82 -0.67 17.97
N ASP A 110 4.24 -1.66 17.28
CA ASP A 110 2.96 -2.29 17.69
C ASP A 110 3.12 -3.12 18.97
N THR A 120 5.21 -12.70 13.03
CA THR A 120 5.98 -11.53 12.57
C THR A 120 7.47 -11.76 12.81
N ALA A 121 8.31 -11.13 11.99
CA ALA A 121 9.76 -11.28 12.11
C ALA A 121 10.30 -10.83 13.48
N ASN A 122 9.75 -9.76 14.07
CA ASN A 122 10.22 -9.34 15.40
C ASN A 122 9.87 -10.31 16.53
N GLU A 123 8.70 -10.95 16.45
CA GLU A 123 8.32 -12.01 17.40
C GLU A 123 9.28 -13.20 17.25
N VAL A 124 9.65 -13.48 16.00
CA VAL A 124 10.53 -14.61 15.69
C VAL A 124 11.99 -14.29 15.92
N PHE A 125 12.46 -13.17 15.37
CA PHE A 125 13.89 -12.80 15.46
C PHE A 125 14.21 -11.72 16.52
N GLY A 126 13.20 -11.16 17.17
CA GLY A 126 13.42 -10.05 18.09
C GLY A 126 13.24 -8.70 17.41
N ASN A 127 12.83 -7.74 18.22
CA ASN A 127 12.75 -6.37 17.82
C ASN A 127 14.05 -5.93 17.16
N GLN A 128 15.17 -6.24 17.80
CA GLN A 128 16.44 -5.65 17.39
C GLN A 128 16.81 -5.99 15.94
N ALA A 129 16.75 -7.26 15.62
CA ALA A 129 17.14 -7.74 14.32
C ALA A 129 16.20 -7.21 13.25
N SER A 130 14.90 -7.34 13.53
CA SER A 130 13.87 -6.80 12.66
CA SER A 130 13.83 -6.78 12.70
C SER A 130 14.10 -5.32 12.36
N VAL A 131 14.45 -4.54 13.38
CA VAL A 131 14.79 -3.14 13.11
C VAL A 131 15.98 -3.04 12.16
N LEU A 132 17.02 -3.81 12.43
CA LEU A 132 18.29 -3.60 11.73
C LEU A 132 18.26 -4.14 10.30
N VAL A 133 17.63 -5.29 10.12
CA VAL A 133 17.37 -5.84 8.79
C VAL A 133 16.42 -4.95 7.97
N GLY A 134 15.45 -4.32 8.65
CA GLY A 134 14.69 -3.24 8.05
C GLY A 134 15.60 -2.18 7.52
N ASP A 135 16.58 -1.75 8.32
CA ASP A 135 17.53 -0.75 7.84
C ASP A 135 18.37 -1.28 6.67
N PHE A 136 18.75 -2.55 6.74
CA PHE A 136 19.51 -3.17 5.65
C PHE A 136 18.72 -3.09 4.35
N LEU A 137 17.43 -3.44 4.41
CA LEU A 137 16.57 -3.37 3.20
C LEU A 137 16.37 -1.94 2.71
N TYR A 138 16.17 -1.06 3.66
CA TYR A 138 15.98 0.32 3.37
C TYR A 138 17.16 0.91 2.66
N THR A 139 18.34 0.71 3.23
CA THR A 139 19.54 1.27 2.66
C THR A 139 19.90 0.61 1.33
N ARG A 140 19.71 -0.69 1.25
CA ARG A 140 19.88 -1.38 -0.01
C ARG A 140 18.96 -0.81 -1.11
N SER A 141 17.72 -0.48 -0.76
CA SER A 141 16.82 0.11 -1.73
C SER A 141 17.40 1.41 -2.28
N PHE A 142 18.03 2.22 -1.44
CA PHE A 142 18.66 3.44 -1.94
C PHE A 142 19.89 3.16 -2.82
N GLN A 143 20.67 2.13 -2.48
CA GLN A 143 21.76 1.72 -3.36
C GLN A 143 21.19 1.30 -4.73
N MET A 144 20.06 0.59 -4.72
CA MET A 144 19.45 0.22 -6.03
C MET A 144 18.96 1.44 -6.82
N MET A 145 18.41 2.42 -6.10
CA MET A 145 17.98 3.68 -6.72
C MET A 145 19.13 4.33 -7.44
N VAL A 146 20.32 4.33 -6.80
CA VAL A 146 21.48 4.95 -7.40
C VAL A 146 21.84 4.31 -8.73
N THR A 147 21.64 2.99 -8.87
CA THR A 147 21.88 2.32 -10.15
C THR A 147 21.00 2.83 -11.29
N LEU A 148 19.86 3.44 -10.96
CA LEU A 148 18.97 4.01 -12.00
C LEU A 148 19.49 5.34 -12.52
N ASP A 149 20.49 5.88 -11.83
CA ASP A 149 21.19 7.09 -12.25
C ASP A 149 20.30 8.29 -12.54
N SER A 150 19.32 8.52 -11.69
CA SER A 150 18.39 9.63 -11.82
C SER A 150 18.21 10.39 -10.51
N MET A 151 18.53 11.68 -10.52
CA MET A 151 18.33 12.48 -9.33
C MET A 151 16.82 12.62 -9.05
N ARG A 152 15.99 12.69 -10.08
CA ARG A 152 14.54 12.79 -9.88
C ARG A 152 13.99 11.56 -9.14
N VAL A 153 14.48 10.37 -9.47
CA VAL A 153 14.08 9.17 -8.75
C VAL A 153 14.39 9.29 -7.24
N MET A 154 15.60 9.74 -6.94
CA MET A 154 16.05 9.90 -5.55
CA MET A 154 16.05 9.95 -5.56
C MET A 154 15.18 10.96 -4.85
N GLN A 155 14.86 12.05 -5.55
CA GLN A 155 14.03 13.09 -4.94
C GLN A 155 12.65 12.53 -4.60
N ILE A 156 12.05 11.81 -5.55
CA ILE A 156 10.72 11.26 -5.34
C ILE A 156 10.69 10.27 -4.20
N LEU A 157 11.65 9.35 -4.16
CA LEU A 157 11.62 8.33 -3.11
C LEU A 157 12.13 8.80 -1.75
N SER A 158 13.06 9.75 -1.71
CA SER A 158 13.42 10.34 -0.42
C SER A 158 12.23 11.14 0.15
N ASP A 159 11.52 11.90 -0.68
CA ASP A 159 10.29 12.55 -0.22
C ASP A 159 9.24 11.54 0.25
N ALA A 160 9.03 10.49 -0.54
CA ALA A 160 8.00 9.52 -0.19
C ALA A 160 8.30 8.81 1.09
N THR A 161 9.55 8.36 1.24
CA THR A 161 9.86 7.63 2.44
C THR A 161 9.82 8.50 3.69
N ASN A 162 10.17 9.78 3.58
CA ASN A 162 10.05 10.66 4.73
C ASN A 162 8.57 10.85 5.11
N VAL A 163 7.72 10.98 4.09
CA VAL A 163 6.28 11.05 4.32
C VAL A 163 5.74 9.80 5.02
N ILE A 164 6.20 8.62 4.60
CA ILE A 164 5.81 7.40 5.25
C ILE A 164 6.18 7.41 6.73
N ALA A 165 7.41 7.80 7.03
CA ALA A 165 7.87 7.90 8.42
C ALA A 165 7.00 8.83 9.24
N GLU A 166 6.70 9.99 8.67
CA GLU A 166 5.80 10.93 9.34
C GLU A 166 4.42 10.36 9.56
N GLY A 167 3.92 9.64 8.57
CA GLY A 167 2.59 9.02 8.68
C GLY A 167 2.55 7.95 9.73
N GLU A 168 3.64 7.19 9.85
CA GLU A 168 3.69 6.17 10.87
C GLU A 168 3.73 6.77 12.26
N VAL A 169 4.40 7.90 12.40
CA VAL A 169 4.41 8.59 13.69
C VAL A 169 3.06 9.21 14.01
N LEU A 170 2.41 9.81 13.00
CA LEU A 170 1.07 10.35 13.18
C LEU A 170 0.10 9.25 13.60
N GLN A 171 0.22 8.07 13.00
CA GLN A 171 -0.64 6.94 13.38
C GLN A 171 -0.43 6.60 14.84
N LEU A 172 0.82 6.44 15.23
CA LEU A 172 1.15 6.12 16.62
C LEU A 172 0.58 7.17 17.57
N MET A 173 0.63 8.44 17.19
CA MET A 173 0.00 9.51 17.98
C MET A 173 -1.50 9.39 18.13
N ASN A 174 -2.16 9.05 17.03
CA ASN A 174 -3.63 8.90 17.01
C ASN A 174 -4.12 7.76 17.88
N CYS A 175 -3.29 6.73 18.08
CA CYS A 175 -3.72 5.59 18.87
C CYS A 175 -4.22 6.07 20.20
N ASN A 176 -5.35 5.55 20.64
CA ASN A 176 -5.98 5.93 21.90
C ASN A 176 -6.48 7.37 21.96
N ASP A 177 -6.49 8.07 20.82
CA ASP A 177 -7.02 9.42 20.77
C ASP A 177 -8.41 9.42 20.13
N PRO A 178 -9.47 9.54 20.96
CA PRO A 178 -10.83 9.50 20.44
C PRO A 178 -11.24 10.77 19.74
N ASP A 179 -10.43 11.82 19.83
CA ASP A 179 -10.74 13.06 19.13
C ASP A 179 -10.12 13.13 17.72
N THR A 180 -9.46 12.05 17.29
CA THR A 180 -8.95 11.96 15.92
C THR A 180 -10.02 12.32 14.90
N THR A 181 -9.71 13.24 14.00
CA THR A 181 -10.65 13.68 12.98
C THR A 181 -10.60 12.78 11.75
N GLU A 182 -11.62 12.90 10.89
CA GLU A 182 -11.63 12.20 9.61
C GLU A 182 -10.46 12.64 8.73
N GLU A 183 -10.16 13.95 8.72
CA GLU A 183 -9.03 14.45 7.96
C GLU A 183 -7.70 13.83 8.43
N SER A 184 -7.54 13.65 9.74
CA SER A 184 -6.29 13.08 10.29
C SER A 184 -6.20 11.58 9.94
N TYR A 185 -7.31 10.87 10.05
CA TYR A 185 -7.33 9.48 9.59
C TYR A 185 -6.93 9.38 8.12
N MET A 186 -7.48 10.25 7.28
CA MET A 186 -7.20 10.19 5.85
C MET A 186 -5.75 10.57 5.58
N GLU A 187 -5.19 11.48 6.36
CA GLU A 187 -3.78 11.85 6.20
C GLU A 187 -2.87 10.66 6.53
N VAL A 188 -3.24 9.87 7.53
CA VAL A 188 -2.49 8.64 7.87
C VAL A 188 -2.54 7.66 6.71
N ILE A 189 -3.71 7.43 6.14
CA ILE A 189 -3.82 6.52 4.97
C ILE A 189 -2.98 7.00 3.81
N TYR A 190 -3.10 8.28 3.51
CA TYR A 190 -2.37 8.87 2.45
C TYR A 190 -0.85 8.69 2.65
N SER A 191 -0.34 9.02 3.84
CA SER A 191 1.11 9.01 4.08
CA SER A 191 1.10 9.00 4.11
C SER A 191 1.69 7.61 4.26
N LYS A 192 1.04 6.79 5.06
CA LYS A 192 1.56 5.47 5.37
C LYS A 192 1.29 4.42 4.28
N THR A 193 0.28 4.60 3.43
CA THR A 193 -0.01 3.58 2.40
C THR A 193 -0.04 4.13 1.00
N ALA A 194 -0.84 5.17 0.76
CA ALA A 194 -1.05 5.61 -0.62
C ALA A 194 0.17 6.24 -1.27
N ARG A 195 0.99 6.94 -0.50
CA ARG A 195 2.13 7.64 -1.04
C ARG A 195 3.14 6.72 -1.73
N LEU A 196 3.34 5.51 -1.19
CA LEU A 196 4.28 4.57 -1.82
C LEU A 196 3.73 4.06 -3.15
N PHE A 197 2.43 3.79 -3.21
CA PHE A 197 1.79 3.41 -4.50
C PHE A 197 1.91 4.51 -5.53
N GLU A 198 1.64 5.74 -5.08
CA GLU A 198 1.76 6.93 -5.88
C GLU A 198 3.16 7.13 -6.44
N ALA A 199 4.17 6.90 -5.61
CA ALA A 199 5.54 7.02 -6.07
C ALA A 199 5.86 5.95 -7.11
N ALA A 200 5.41 4.71 -6.88
CA ALA A 200 5.71 3.62 -7.79
C ALA A 200 5.21 3.90 -9.22
N THR A 201 3.97 4.33 -9.31
CA THR A 201 3.37 4.61 -10.64
C THR A 201 3.94 5.87 -11.30
N LEU A 202 4.15 6.92 -10.51
CA LEU A 202 4.85 8.11 -11.01
C LEU A 202 6.20 7.72 -11.57
N LEU A 203 6.90 6.84 -10.85
CA LEU A 203 8.27 6.49 -11.24
C LEU A 203 8.32 5.67 -12.53
N ALA A 204 7.27 4.89 -12.78
CA ALA A 204 7.16 4.24 -14.08
C ALA A 204 7.15 5.30 -15.20
N GLY A 205 6.47 6.42 -14.94
CA GLY A 205 6.43 7.54 -15.89
C GLY A 205 7.78 8.25 -16.02
N VAL A 206 8.47 8.42 -14.89
CA VAL A 206 9.80 9.00 -14.91
C VAL A 206 10.78 8.14 -15.69
N LEU A 207 10.80 6.84 -15.43
CA LEU A 207 11.74 5.95 -16.10
C LEU A 207 11.53 5.90 -17.62
N THR A 208 10.29 6.06 -18.06
CA THR A 208 9.97 5.98 -19.50
C THR A 208 9.87 7.36 -20.14
N LYS A 209 10.32 8.38 -19.42
CA LYS A 209 10.42 9.76 -19.92
C LYS A 209 9.12 10.31 -20.47
N GLN A 210 8.06 10.15 -19.70
CA GLN A 210 6.75 10.64 -20.09
C GLN A 210 6.60 12.13 -19.84
N SER A 211 5.57 12.69 -20.45
CA SER A 211 5.19 14.08 -20.23
C SER A 211 4.71 14.33 -18.83
N GLU A 212 4.62 15.60 -18.48
CA GLU A 212 4.08 15.96 -17.18
C GLU A 212 2.64 15.48 -17.04
N ALA A 213 1.85 15.57 -18.11
CA ALA A 213 0.46 15.17 -18.05
C ALA A 213 0.33 13.68 -17.72
N ILE A 214 1.14 12.86 -18.40
CA ILE A 214 1.10 11.41 -18.21
C ILE A 214 1.64 11.06 -16.83
N GLU A 215 2.72 11.72 -16.41
CA GLU A 215 3.23 11.54 -15.04
C GLU A 215 2.17 11.83 -14.01
N ASN A 216 1.45 12.94 -14.18
CA ASN A 216 0.38 13.30 -13.26
C ASN A 216 -0.73 12.26 -13.23
N ALA A 217 -1.05 11.74 -14.40
CA ALA A 217 -2.07 10.71 -14.54
C ALA A 217 -1.67 9.45 -13.73
N MET A 218 -0.43 9.02 -13.91
CA MET A 218 0.05 7.80 -13.25
C MET A 218 0.16 8.00 -11.76
N GLN A 219 0.66 9.18 -11.35
CA GLN A 219 0.75 9.53 -9.93
C GLN A 219 -0.59 9.46 -9.22
N ASP A 220 -1.61 10.10 -9.83
CA ASP A 220 -2.96 10.03 -9.31
C ASP A 220 -3.51 8.62 -9.27
N TYR A 221 -3.27 7.83 -10.32
CA TYR A 221 -3.73 6.45 -10.29
C TYR A 221 -3.20 5.71 -9.05
N GLY A 222 -1.90 5.80 -8.82
CA GLY A 222 -1.31 5.14 -7.66
C GLY A 222 -1.85 5.62 -6.33
N LYS A 223 -1.97 6.94 -6.20
CA LYS A 223 -2.41 7.54 -4.97
C LYS A 223 -3.81 7.04 -4.63
N TYR A 224 -4.72 7.12 -5.60
CA TYR A 224 -6.09 6.69 -5.33
C TYR A 224 -6.22 5.20 -5.15
N LEU A 225 -5.47 4.42 -5.93
CA LEU A 225 -5.48 2.96 -5.75
C LEU A 225 -5.03 2.58 -4.35
N GLY A 226 -3.91 3.17 -3.91
CA GLY A 226 -3.42 2.86 -2.58
C GLY A 226 -4.41 3.26 -1.50
N THR A 227 -5.10 4.36 -1.71
CA THR A 227 -6.13 4.81 -0.78
C THR A 227 -7.27 3.77 -0.66
N ALA A 228 -7.75 3.32 -1.83
CA ALA A 228 -8.76 2.25 -1.91
C ALA A 228 -8.35 1.03 -1.13
N PHE A 229 -7.13 0.55 -1.38
CA PHE A 229 -6.67 -0.65 -0.72
C PHE A 229 -6.66 -0.49 0.80
N GLN A 230 -6.19 0.65 1.29
CA GLN A 230 -6.11 0.82 2.75
C GLN A 230 -7.50 0.93 3.39
N LEU A 231 -8.41 1.64 2.72
CA LEU A 231 -9.80 1.71 3.19
C LEU A 231 -10.42 0.34 3.30
N VAL A 232 -10.19 -0.48 2.27
CA VAL A 232 -10.72 -1.84 2.30
C VAL A 232 -10.12 -2.65 3.42
N ASP A 233 -8.82 -2.55 3.63
CA ASP A 233 -8.19 -3.18 4.79
C ASP A 233 -8.89 -2.81 6.10
N ASP A 234 -9.11 -1.52 6.29
CA ASP A 234 -9.74 -1.03 7.53
C ASP A 234 -11.20 -1.52 7.68
N ILE A 235 -11.89 -1.69 6.55
CA ILE A 235 -13.24 -2.25 6.56
C ILE A 235 -13.20 -3.72 6.97
N MET A 236 -12.26 -4.45 6.37
CA MET A 236 -12.22 -5.89 6.53
C MET A 236 -11.84 -6.27 7.97
N ASP A 237 -11.21 -5.36 8.69
CA ASP A 237 -10.91 -5.62 10.10
C ASP A 237 -12.14 -5.87 10.92
N TYR A 238 -13.23 -5.20 10.56
CA TYR A 238 -14.50 -5.32 11.28
C TYR A 238 -15.53 -6.21 10.60
N ALA A 239 -15.28 -6.61 9.36
CA ALA A 239 -16.32 -7.26 8.54
C ALA A 239 -16.35 -8.76 8.77
N GLY A 250 -11.46 -7.79 15.09
CA GLY A 250 -11.30 -6.46 15.67
C GLY A 250 -9.91 -6.26 16.23
N ASP A 251 -8.91 -6.35 15.35
CA ASP A 251 -7.50 -6.19 15.75
C ASP A 251 -7.26 -4.74 16.17
N ASP A 252 -7.78 -3.83 15.35
CA ASP A 252 -7.69 -2.39 15.57
C ASP A 252 -8.39 -1.98 16.85
N LEU A 253 -9.59 -2.52 17.03
CA LEU A 253 -10.38 -2.32 18.26
C LEU A 253 -9.53 -2.59 19.50
N ALA A 254 -8.94 -3.78 19.53
CA ALA A 254 -8.09 -4.21 20.64
C ALA A 254 -7.04 -3.17 21.08
N GLU A 255 -6.45 -2.46 20.11
CA GLU A 255 -5.29 -1.58 20.38
C GLU A 255 -5.65 -0.08 20.54
N GLY A 256 -6.93 0.24 20.58
CA GLY A 256 -7.37 1.63 20.64
C GLY A 256 -7.14 2.42 19.35
N LYS A 257 -7.08 1.72 18.21
CA LYS A 257 -6.80 2.40 16.92
C LYS A 257 -8.05 3.06 16.35
N PRO A 258 -8.02 4.37 16.15
CA PRO A 258 -9.17 5.05 15.63
C PRO A 258 -9.22 5.04 14.10
N THR A 259 -9.82 4.00 13.53
CA THR A 259 -10.03 3.94 12.07
C THR A 259 -11.43 4.43 11.75
N LEU A 260 -11.69 4.70 10.46
CA LEU A 260 -12.90 5.40 10.06
C LEU A 260 -14.16 4.69 10.52
N PRO A 261 -14.24 3.36 10.36
CA PRO A 261 -15.50 2.73 10.79
C PRO A 261 -15.80 2.96 12.28
N LEU A 262 -14.78 2.89 13.11
CA LEU A 262 -14.99 3.01 14.55
C LEU A 262 -15.29 4.47 14.89
N LEU A 263 -14.54 5.39 14.29
CA LEU A 263 -14.77 6.83 14.51
C LEU A 263 -16.17 7.26 14.09
N TYR A 264 -16.56 6.86 12.88
CA TYR A 264 -17.85 7.26 12.35
C TYR A 264 -18.98 6.73 13.20
N ALA A 265 -18.85 5.50 13.68
CA ALA A 265 -19.85 4.93 14.59
C ALA A 265 -19.98 5.80 15.86
N MET A 266 -18.85 6.21 16.42
CA MET A 266 -18.84 7.07 17.58
C MET A 266 -19.52 8.40 17.26
N TRP A 267 -19.12 9.02 16.15
CA TRP A 267 -19.71 10.30 15.78
C TRP A 267 -21.22 10.27 15.64
N HIS A 268 -21.77 9.17 15.13
CA HIS A 268 -23.20 9.11 14.80
C HIS A 268 -24.05 8.26 15.74
N GLY A 269 -23.42 7.63 16.72
CA GLY A 269 -24.14 6.79 17.67
C GLY A 269 -24.96 7.59 18.66
N ASN A 270 -25.80 6.90 19.42
CA ASN A 270 -26.49 7.53 20.55
C ASN A 270 -25.51 7.79 21.68
N GLU A 271 -25.96 8.50 22.70
CA GLU A 271 -25.08 8.92 23.80
C GLU A 271 -24.33 7.74 24.45
N GLN A 272 -25.01 6.63 24.67
CA GLN A 272 -24.38 5.48 25.31
C GLN A 272 -23.40 4.81 24.34
N GLN A 273 -23.77 4.71 23.07
CA GLN A 273 -22.90 4.10 22.06
C GLN A 273 -21.59 4.88 21.90
N THR A 274 -21.72 6.20 21.77
CA THR A 274 -20.60 7.11 21.65
C THR A 274 -19.64 7.01 22.82
N ALA A 275 -20.18 6.90 24.03
CA ALA A 275 -19.35 6.82 25.23
C ALA A 275 -18.62 5.50 25.31
N ILE A 276 -19.30 4.42 24.94
CA ILE A 276 -18.65 3.11 24.88
C ILE A 276 -17.44 3.13 23.94
N ILE A 277 -17.62 3.71 22.76
CA ILE A 277 -16.54 3.73 21.76
C ILE A 277 -15.41 4.69 22.16
N ARG A 278 -15.76 5.87 22.67
CA ARG A 278 -14.75 6.77 23.22
C ARG A 278 -13.89 6.05 24.25
N GLU A 279 -14.54 5.37 25.19
CA GLU A 279 -13.81 4.63 26.20
C GLU A 279 -12.95 3.52 25.59
N ALA A 280 -13.50 2.82 24.60
CA ALA A 280 -12.76 1.75 23.93
C ALA A 280 -11.49 2.28 23.30
N ILE A 281 -11.59 3.46 22.69
CA ILE A 281 -10.44 4.06 22.06
C ILE A 281 -9.41 4.43 23.13
N GLU A 282 -9.86 5.10 24.19
CA GLU A 282 -8.92 5.55 25.23
C GLU A 282 -8.27 4.38 25.96
N THR A 283 -9.05 3.35 26.28
CA THR A 283 -8.58 2.32 27.21
C THR A 283 -8.23 1.00 26.58
N GLY A 284 -8.62 0.76 25.34
CA GLY A 284 -8.38 -0.53 24.71
C GLY A 284 -9.27 -1.66 25.22
N ASN A 285 -10.39 -1.32 25.86
CA ASN A 285 -11.31 -2.35 26.41
C ASN A 285 -12.50 -2.69 25.49
N GLY A 286 -12.38 -2.35 24.21
CA GLY A 286 -13.47 -2.50 23.26
C GLY A 286 -14.03 -3.91 23.14
N MET A 287 -13.17 -4.92 23.32
CA MET A 287 -13.64 -6.30 23.14
C MET A 287 -14.65 -6.70 24.22
N ASP A 288 -14.64 -6.01 25.36
CA ASP A 288 -15.65 -6.24 26.40
C ASP A 288 -17.02 -5.76 25.95
N ASN A 289 -17.04 -4.88 24.94
CA ASN A 289 -18.28 -4.39 24.33
C ASN A 289 -18.29 -4.66 22.82
N LEU A 290 -17.76 -5.81 22.43
CA LEU A 290 -17.59 -6.14 21.01
C LEU A 290 -18.92 -6.03 20.27
N THR A 291 -19.96 -6.76 20.72
CA THR A 291 -21.21 -6.77 19.95
C THR A 291 -21.96 -5.44 19.98
N PRO A 292 -21.98 -4.74 21.13
CA PRO A 292 -22.59 -3.39 21.08
C PRO A 292 -21.89 -2.42 20.11
N ILE A 293 -20.58 -2.51 20.02
CA ILE A 293 -19.83 -1.65 19.11
C ILE A 293 -20.16 -2.02 17.66
N LEU A 294 -20.10 -3.31 17.36
CA LEU A 294 -20.43 -3.79 16.02
C LEU A 294 -21.85 -3.39 15.65
N GLU A 295 -22.73 -3.37 16.64
CA GLU A 295 -24.12 -2.96 16.42
C GLU A 295 -24.20 -1.49 16.06
N THR A 296 -23.47 -0.66 16.82
CA THR A 296 -23.43 0.77 16.55
C THR A 296 -22.95 1.03 15.12
N MET A 297 -21.92 0.30 14.70
CA MET A 297 -21.40 0.43 13.35
C MET A 297 -22.50 0.10 12.32
N GLU A 298 -23.25 -0.96 12.59
CA GLU A 298 -24.35 -1.33 11.67
C GLU A 298 -25.42 -0.23 11.64
N GLN A 299 -25.90 0.17 12.82
CA GLN A 299 -26.97 1.16 12.92
C GLN A 299 -26.62 2.49 12.32
N THR A 300 -25.38 2.93 12.49
CA THR A 300 -24.92 4.21 11.97
C THR A 300 -24.49 4.19 10.49
N GLY A 301 -24.34 3.01 9.92
CA GLY A 301 -23.87 2.90 8.54
C GLY A 301 -22.39 3.24 8.42
N ALA A 302 -21.64 3.00 9.48
CA ALA A 302 -20.24 3.38 9.53
C ALA A 302 -19.39 2.58 8.57
N LEU A 303 -19.60 1.28 8.50
CA LEU A 303 -18.88 0.46 7.54
C LEU A 303 -19.31 0.81 6.13
N THR A 304 -20.61 1.06 5.93
CA THR A 304 -21.09 1.50 4.62
C THR A 304 -20.44 2.78 4.14
N TYR A 305 -20.33 3.77 5.03
CA TYR A 305 -19.74 5.03 4.70
C TYR A 305 -18.28 4.82 4.28
N THR A 306 -17.57 3.96 5.01
CA THR A 306 -16.18 3.68 4.67
C THR A 306 -16.09 2.96 3.33
N LYS A 307 -17.01 2.02 3.08
CA LYS A 307 -17.06 1.35 1.76
C LYS A 307 -17.29 2.35 0.65
N GLN A 308 -18.18 3.32 0.89
CA GLN A 308 -18.38 4.39 -0.09
C GLN A 308 -17.13 5.18 -0.43
N GLN A 309 -16.32 5.46 0.57
CA GLN A 309 -15.05 6.15 0.34
C GLN A 309 -14.07 5.28 -0.49
N ALA A 310 -14.08 3.98 -0.23
CA ALA A 310 -13.21 3.06 -0.96
C ALA A 310 -13.64 3.00 -2.42
N LEU A 311 -14.95 2.89 -2.65
CA LEU A 311 -15.48 2.88 -4.01
C LEU A 311 -15.07 4.14 -4.73
N LYS A 312 -15.17 5.28 -4.06
CA LYS A 312 -14.78 6.54 -4.66
C LYS A 312 -13.30 6.56 -5.08
N ALA A 313 -12.43 6.15 -4.18
CA ALA A 313 -10.99 6.10 -4.50
C ALA A 313 -10.72 5.19 -5.70
N SER A 314 -11.36 4.04 -5.71
CA SER A 314 -11.19 3.09 -6.84
C SER A 314 -11.57 3.74 -8.17
N GLN A 315 -12.71 4.42 -8.22
CA GLN A 315 -13.14 5.06 -9.45
CA GLN A 315 -13.11 5.06 -9.48
C GLN A 315 -12.23 6.23 -9.82
N GLN A 316 -11.75 6.98 -8.81
CA GLN A 316 -10.84 8.07 -9.09
C GLN A 316 -9.54 7.55 -9.71
N ALA A 317 -9.12 6.38 -9.27
CA ALA A 317 -7.91 5.76 -9.85
C ALA A 317 -8.15 5.44 -11.33
N ILE A 318 -9.28 4.80 -11.60
CA ILE A 318 -9.61 4.42 -12.97
C ILE A 318 -9.69 5.66 -13.86
N ASP A 319 -10.40 6.67 -13.36
CA ASP A 319 -10.55 7.92 -14.10
C ASP A 319 -9.21 8.61 -14.38
N ALA A 320 -8.24 8.47 -13.48
CA ALA A 320 -6.94 9.09 -13.70
C ALA A 320 -6.22 8.53 -14.92
N LEU A 321 -6.52 7.30 -15.31
CA LEU A 321 -5.86 6.66 -16.44
C LEU A 321 -6.38 7.09 -17.82
N SER A 322 -7.35 8.00 -17.89
N SER A 322 -7.40 7.96 -17.81
CA SER A 322 -7.87 8.46 -19.18
CA SER A 322 -8.01 8.51 -19.02
C SER A 322 -6.81 8.86 -20.23
C SER A 322 -7.03 8.68 -20.18
N PRO A 323 -5.78 9.60 -19.82
N PRO A 323 -5.96 9.49 -19.99
CA PRO A 323 -4.79 10.00 -20.81
CA PRO A 323 -5.05 9.84 -21.07
C PRO A 323 -3.91 8.85 -21.32
C PRO A 323 -4.00 8.79 -21.41
N ILE A 324 -3.93 7.70 -20.65
CA ILE A 324 -2.97 6.64 -20.96
C ILE A 324 -3.42 5.89 -22.24
N GLU A 325 -2.46 5.63 -23.10
CA GLU A 325 -2.64 4.82 -24.31
CA GLU A 325 -2.66 4.84 -24.31
C GLU A 325 -3.25 3.47 -23.97
N GLU A 326 -4.19 2.97 -24.81
CA GLU A 326 -4.76 1.63 -24.67
CA GLU A 326 -4.74 1.62 -24.61
C GLU A 326 -3.69 0.55 -24.77
N SER A 327 -3.79 -0.47 -23.91
CA SER A 327 -2.99 -1.67 -23.99
C SER A 327 -3.57 -2.66 -23.02
N VAL A 328 -3.12 -3.91 -23.12
CA VAL A 328 -3.54 -4.92 -22.15
C VAL A 328 -3.05 -4.56 -20.72
N TYR A 329 -1.94 -3.87 -20.63
CA TYR A 329 -1.42 -3.40 -19.32
C TYR A 329 -2.28 -2.29 -18.71
N LYS A 330 -2.74 -1.36 -19.54
CA LYS A 330 -3.75 -0.41 -19.07
C LYS A 330 -5.00 -1.12 -18.55
N GLU A 331 -5.47 -2.13 -19.30
CA GLU A 331 -6.64 -2.88 -18.87
C GLU A 331 -6.38 -3.60 -17.56
N ALA A 332 -5.16 -4.10 -17.37
CA ALA A 332 -4.81 -4.74 -16.10
C ALA A 332 -4.84 -3.74 -14.93
N LEU A 333 -4.33 -2.54 -15.17
CA LEU A 333 -4.34 -1.49 -14.12
C LEU A 333 -5.76 -1.14 -13.73
N ILE A 334 -6.65 -1.06 -14.74
CA ILE A 334 -8.07 -0.82 -14.48
C ILE A 334 -8.69 -1.99 -13.72
N GLY A 335 -8.37 -3.23 -14.10
CA GLY A 335 -8.89 -4.37 -13.39
C GLY A 335 -8.43 -4.40 -11.93
N LEU A 336 -7.18 -4.02 -11.69
CA LEU A 336 -6.67 -3.99 -10.32
C LEU A 336 -7.46 -3.02 -9.45
N ALA A 337 -7.82 -1.88 -10.03
CA ALA A 337 -8.64 -0.90 -9.31
C ALA A 337 -10.02 -1.48 -8.97
N HIS A 338 -10.63 -2.22 -9.90
CA HIS A 338 -11.88 -2.92 -9.61
C HIS A 338 -11.69 -3.97 -8.53
N ILE A 339 -10.64 -4.75 -8.65
CA ILE A 339 -10.38 -5.84 -7.72
C ILE A 339 -10.18 -5.32 -6.30
N SER A 340 -9.54 -4.16 -6.19
CA SER A 340 -9.28 -3.56 -4.88
C SER A 340 -10.52 -3.47 -4.00
N VAL A 341 -11.67 -3.20 -4.59
CA VAL A 341 -12.89 -2.99 -3.81
C VAL A 341 -13.94 -4.10 -3.99
N GLU A 342 -13.59 -5.15 -4.72
CA GLU A 342 -14.47 -6.31 -4.90
C GLU A 342 -15.03 -6.91 -3.63
N ARG A 343 -14.21 -7.07 -2.60
CA ARG A 343 -14.66 -7.73 -1.36
C ARG A 343 -15.64 -6.89 -0.57
N VAL A 344 -15.86 -5.67 -1.00
CA VAL A 344 -16.62 -4.68 -0.24
C VAL A 344 -18.02 -4.46 -0.78
N ALA A 345 -18.20 -4.60 -2.10
CA ALA A 345 -19.53 -4.55 -2.71
C ALA A 345 -20.37 -5.78 -2.35
#